data_4TQ8
#
_entry.id   4TQ8
#
_cell.length_a   43.140
_cell.length_b   86.040
_cell.length_c   63.480
_cell.angle_alpha   90.00
_cell.angle_beta   90.00
_cell.angle_gamma   90.00
#
_symmetry.space_group_name_H-M   'P 21 21 2'
#
loop_
_entity.id
_entity.type
_entity.pdbx_description
1 polymer Transthyretin
2 non-polymer '3-[(9H-fluoren-9-ylideneamino)oxy]propanoic acid'
3 non-polymer 1,2-ETHANEDIOL
4 water water
#
_entity_poly.entity_id   1
_entity_poly.type   'polypeptide(L)'
_entity_poly.pdbx_seq_one_letter_code
;GPTGTGESKCPLMVKVLDAVRGSPAINVAVHVFRKAADDTWEPFASGKTSESGELHGLTTEEEFVEGIYKVEIDTKSYWK
ALGISPFHEHAEVVFTANDSGPRRYTIAALLSPYSYSTTAVVTNPKE
;
_entity_poly.pdbx_strand_id   A,B
#
loop_
_chem_comp.id
_chem_comp.type
_chem_comp.name
_chem_comp.formula
7BD non-polymer '3-[(9H-fluoren-9-ylideneamino)oxy]propanoic acid' 'C16 H13 N O3'
EDO non-polymer 1,2-ETHANEDIOL 'C2 H6 O2'
#
# COMPACT_ATOMS: atom_id res chain seq x y z
N CYS A 10 -11.58 21.25 3.36
CA CYS A 10 -10.51 20.32 2.89
C CYS A 10 -10.66 19.02 3.65
N PRO A 11 -11.54 18.13 3.15
CA PRO A 11 -11.78 16.84 3.78
C PRO A 11 -10.68 15.79 3.50
N LEU A 12 -9.83 16.02 2.51
CA LEU A 12 -8.75 15.02 2.16
C LEU A 12 -7.44 15.76 1.88
N MET A 13 -6.40 15.41 2.63
N MET A 13 -6.40 15.44 2.65
CA MET A 13 -5.11 16.04 2.45
CA MET A 13 -5.11 16.04 2.38
C MET A 13 -4.06 14.91 2.42
C MET A 13 -4.07 14.91 2.40
N VAL A 14 -3.06 15.04 1.56
CA VAL A 14 -1.99 14.03 1.49
C VAL A 14 -0.65 14.71 1.83
N LYS A 15 0.12 14.09 2.72
CA LYS A 15 1.43 14.66 3.12
C LYS A 15 2.53 13.59 2.88
N VAL A 16 3.61 13.93 2.21
CA VAL A 16 4.62 12.95 1.88
C VAL A 16 5.99 13.44 2.35
N LEU A 17 6.69 12.60 3.04
CA LEU A 17 8.04 12.90 3.60
C LEU A 17 9.07 11.92 3.08
N ASP A 18 10.31 12.43 2.91
CA ASP A 18 11.46 11.63 2.48
C ASP A 18 12.36 11.31 3.69
N ALA A 19 12.45 10.01 4.05
CA ALA A 19 13.20 9.55 5.24
C ALA A 19 14.73 9.48 5.00
N VAL A 20 15.15 9.61 3.76
CA VAL A 20 16.58 9.62 3.43
C VAL A 20 17.15 11.03 3.61
N ARG A 21 16.39 12.03 3.20
CA ARG A 21 16.87 13.42 3.19
C ARG A 21 16.34 14.17 4.42
N GLY A 22 15.29 13.66 5.07
CA GLY A 22 14.68 14.35 6.22
C GLY A 22 13.99 15.61 5.70
N SER A 23 13.18 15.44 4.67
CA SER A 23 12.59 16.63 3.97
C SER A 23 11.22 16.28 3.48
N PRO A 24 10.39 17.28 3.18
CA PRO A 24 9.19 17.04 2.40
C PRO A 24 9.57 16.39 1.08
N ALA A 25 8.65 15.52 0.58
CA ALA A 25 8.87 14.95 -0.74
C ALA A 25 8.04 15.82 -1.71
N ILE A 26 8.75 16.57 -2.54
CA ILE A 26 8.16 17.62 -3.38
C ILE A 26 7.88 17.07 -4.79
N ASN A 27 6.76 17.54 -5.35
CA ASN A 27 6.39 17.24 -6.76
C ASN A 27 6.03 15.77 -6.98
N VAL A 28 5.56 15.11 -5.93
CA VAL A 28 5.18 13.69 -6.02
C VAL A 28 3.74 13.61 -6.54
N ALA A 29 3.57 12.81 -7.59
CA ALA A 29 2.24 12.63 -8.15
C ALA A 29 1.36 11.78 -7.25
N VAL A 30 0.10 12.19 -7.13
CA VAL A 30 -0.85 11.47 -6.31
C VAL A 30 -2.16 11.29 -7.09
N HIS A 31 -2.62 10.06 -7.18
CA HIS A 31 -3.92 9.77 -7.89
C HIS A 31 -4.90 9.18 -6.92
N VAL A 32 -6.11 9.76 -6.86
CA VAL A 32 -7.16 9.20 -6.04
C VAL A 32 -8.22 8.53 -6.88
N PHE A 33 -8.65 7.36 -6.50
CA PHE A 33 -9.75 6.61 -7.21
C PHE A 33 -10.84 6.28 -6.25
N ARG A 34 -12.08 6.09 -6.80
CA ARG A 34 -13.22 5.71 -5.96
C ARG A 34 -13.85 4.49 -6.58
N LYS A 35 -14.19 3.51 -5.75
CA LYS A 35 -14.77 2.25 -6.28
C LYS A 35 -16.22 2.50 -6.78
N ALA A 36 -16.46 2.09 -8.02
CA ALA A 36 -17.79 2.31 -8.65
C ALA A 36 -18.75 1.18 -8.33
N ALA A 37 -19.99 1.34 -8.81
CA ALA A 37 -21.04 0.39 -8.57
C ALA A 37 -20.67 -0.99 -9.17
N ASP A 38 -19.92 -0.98 -10.27
CA ASP A 38 -19.50 -2.24 -10.93
C ASP A 38 -18.18 -2.84 -10.39
N ASP A 39 -17.77 -2.38 -9.21
N ASP A 39 -17.75 -2.36 -9.22
CA ASP A 39 -16.54 -2.80 -8.51
CA ASP A 39 -16.55 -2.87 -8.55
C ASP A 39 -15.26 -2.38 -9.20
C ASP A 39 -15.24 -2.40 -9.21
N THR A 40 -15.32 -1.46 -10.15
CA THR A 40 -14.11 -0.99 -10.84
C THR A 40 -13.58 0.33 -10.15
N TRP A 41 -12.31 0.66 -10.35
CA TRP A 41 -11.80 1.92 -9.80
C TRP A 41 -11.98 3.07 -10.77
N GLU A 42 -12.76 4.07 -10.38
N GLU A 42 -12.75 4.07 -10.39
CA GLU A 42 -12.98 5.24 -11.18
CA GLU A 42 -12.92 5.21 -11.24
C GLU A 42 -11.98 6.37 -10.75
C GLU A 42 -12.03 6.39 -10.76
N PRO A 43 -11.47 7.16 -11.69
CA PRO A 43 -10.67 8.32 -11.30
C PRO A 43 -11.50 9.36 -10.49
N PHE A 44 -10.95 9.87 -9.43
CA PHE A 44 -11.64 10.79 -8.52
C PHE A 44 -10.97 12.16 -8.49
N ALA A 45 -9.64 12.17 -8.24
CA ALA A 45 -8.95 13.43 -8.29
C ALA A 45 -7.41 13.11 -8.29
N SER A 46 -6.62 14.12 -8.64
CA SER A 46 -5.18 13.96 -8.64
C SER A 46 -4.48 15.26 -8.51
N GLY A 47 -3.19 15.19 -8.22
CA GLY A 47 -2.38 16.42 -8.09
C GLY A 47 -0.92 16.04 -7.75
N LYS A 48 -0.12 17.04 -7.40
CA LYS A 48 1.30 16.81 -7.03
C LYS A 48 1.56 17.54 -5.75
N THR A 49 2.43 16.94 -4.89
CA THR A 49 2.76 17.61 -3.64
C THR A 49 3.55 18.94 -3.86
N SER A 50 3.36 19.83 -2.92
CA SER A 50 3.94 21.18 -2.99
C SER A 50 5.34 21.14 -2.39
N GLU A 51 5.95 22.32 -2.27
N GLU A 51 5.94 22.33 -2.25
CA GLU A 51 7.22 22.44 -1.59
CA GLU A 51 7.22 22.44 -1.62
C GLU A 51 7.19 22.01 -0.14
C GLU A 51 7.20 22.02 -0.15
N SER A 52 6.02 21.97 0.47
CA SER A 52 5.89 21.51 1.82
C SER A 52 5.57 19.99 1.89
N GLY A 53 5.56 19.34 0.71
CA GLY A 53 5.25 17.89 0.63
C GLY A 53 3.79 17.64 0.86
N GLU A 54 2.95 18.67 0.75
CA GLU A 54 1.50 18.51 0.96
C GLU A 54 0.64 18.74 -0.28
N LEU A 55 -0.47 18.03 -0.33
CA LEU A 55 -1.38 18.20 -1.46
C LEU A 55 -2.75 18.45 -0.90
N HIS A 56 -3.20 19.70 -1.12
CA HIS A 56 -4.49 20.16 -0.64
C HIS A 56 -5.42 20.34 -1.85
N GLY A 57 -6.68 20.48 -1.56
CA GLY A 57 -7.64 20.82 -2.64
C GLY A 57 -8.06 19.73 -3.56
N LEU A 58 -7.80 18.46 -3.22
CA LEU A 58 -8.20 17.38 -4.08
C LEU A 58 -9.72 17.26 -4.23
N THR A 59 -10.44 17.59 -3.20
CA THR A 59 -11.89 17.42 -3.24
C THR A 59 -12.64 18.39 -2.30
N THR A 60 -13.96 18.28 -2.29
CA THR A 60 -14.80 19.13 -1.46
C THR A 60 -15.64 18.24 -0.59
N GLU A 61 -16.15 18.81 0.48
N GLU A 61 -16.18 18.80 0.47
CA GLU A 61 -17.06 18.05 1.32
CA GLU A 61 -17.06 18.01 1.32
C GLU A 61 -18.20 17.45 0.51
C GLU A 61 -18.27 17.47 0.56
N GLU A 62 -18.78 18.22 -0.42
CA GLU A 62 -19.93 17.74 -1.24
C GLU A 62 -19.56 16.53 -2.11
N GLU A 63 -18.38 16.59 -2.74
N GLU A 63 -18.40 16.57 -2.75
CA GLU A 63 -17.94 15.60 -3.66
CA GLU A 63 -18.02 15.54 -3.67
C GLU A 63 -17.49 14.28 -2.94
C GLU A 63 -17.44 14.26 -2.97
N PHE A 64 -16.95 14.46 -1.75
CA PHE A 64 -16.30 13.36 -0.99
C PHE A 64 -17.34 12.55 -0.23
N VAL A 65 -18.11 11.79 -0.94
CA VAL A 65 -19.21 11.03 -0.33
C VAL A 65 -18.67 9.71 0.25
N GLU A 66 -19.55 8.96 0.91
N GLU A 66 -19.56 8.97 0.92
CA GLU A 66 -19.16 7.63 1.39
CA GLU A 66 -19.19 7.61 1.35
C GLU A 66 -18.77 6.73 0.25
C GLU A 66 -18.68 6.80 0.20
N GLY A 67 -17.75 5.89 0.47
CA GLY A 67 -17.30 4.98 -0.58
C GLY A 67 -15.94 4.37 -0.19
N ILE A 68 -15.44 3.56 -1.06
CA ILE A 68 -14.04 3.01 -0.88
C ILE A 68 -13.18 3.78 -1.83
N TYR A 69 -12.06 4.30 -1.27
CA TYR A 69 -11.17 5.17 -1.97
C TYR A 69 -9.77 4.56 -2.01
N LYS A 70 -9.07 4.77 -3.11
N LYS A 70 -9.06 4.79 -3.10
CA LYS A 70 -7.64 4.37 -3.15
CA LYS A 70 -7.64 4.36 -3.18
C LYS A 70 -6.85 5.64 -3.44
C LYS A 70 -6.81 5.58 -3.50
N VAL A 71 -5.79 5.85 -2.67
CA VAL A 71 -4.84 6.96 -2.87
C VAL A 71 -3.56 6.30 -3.32
N GLU A 72 -3.18 6.54 -4.59
N GLU A 72 -3.16 6.58 -4.56
CA GLU A 72 -1.91 5.99 -5.09
CA GLU A 72 -1.92 6.01 -5.12
C GLU A 72 -0.87 7.13 -5.13
C GLU A 72 -0.86 7.12 -5.16
N ILE A 73 0.26 6.88 -4.49
CA ILE A 73 1.36 7.86 -4.39
C ILE A 73 2.50 7.33 -5.24
N ASP A 74 2.89 8.10 -6.25
CA ASP A 74 3.84 7.59 -7.28
C ASP A 74 5.28 7.75 -6.80
N THR A 75 5.64 6.83 -5.89
CA THR A 75 6.94 6.91 -5.23
C THR A 75 8.09 6.49 -6.12
N LYS A 76 7.86 5.56 -7.05
CA LYS A 76 8.98 5.12 -7.94
C LYS A 76 9.52 6.28 -8.80
N SER A 77 8.60 7.08 -9.37
CA SER A 77 9.04 8.24 -10.15
C SER A 77 9.82 9.22 -9.33
N TYR A 78 9.38 9.41 -8.11
CA TYR A 78 10.08 10.26 -7.15
C TYR A 78 11.50 9.81 -6.97
N TRP A 79 11.71 8.54 -6.59
CA TRP A 79 13.08 8.10 -6.31
C TRP A 79 13.94 8.09 -7.54
N LYS A 80 13.35 7.73 -8.66
N LYS A 80 13.35 7.73 -8.66
CA LYS A 80 14.12 7.65 -9.94
CA LYS A 80 14.12 7.65 -9.93
C LYS A 80 14.71 9.01 -10.27
C LYS A 80 14.71 9.01 -10.28
N ALA A 81 13.95 10.08 -9.98
CA ALA A 81 14.40 11.47 -10.35
C ALA A 81 15.54 11.90 -9.43
N LEU A 82 15.73 11.22 -8.29
CA LEU A 82 16.83 11.43 -7.43
C LEU A 82 17.99 10.44 -7.66
N GLY A 83 17.86 9.62 -8.68
CA GLY A 83 18.95 8.67 -9.01
C GLY A 83 18.88 7.34 -8.31
N ILE A 84 17.76 7.08 -7.64
CA ILE A 84 17.61 5.85 -6.87
C ILE A 84 16.58 4.93 -7.55
N SER A 85 16.94 3.66 -7.60
N SER A 85 16.92 3.65 -7.58
CA SER A 85 16.03 2.63 -8.10
CA SER A 85 16.04 2.64 -8.11
C SER A 85 15.38 1.95 -6.88
C SER A 85 15.37 1.90 -6.92
N PRO A 86 14.08 2.26 -6.61
CA PRO A 86 13.42 1.81 -5.38
C PRO A 86 12.75 0.47 -5.60
N PHE A 87 12.27 -0.12 -4.50
CA PHE A 87 11.61 -1.44 -4.61
C PHE A 87 10.15 -1.28 -5.12
N HIS A 88 9.37 -0.36 -4.55
CA HIS A 88 7.93 -0.35 -4.82
C HIS A 88 7.59 0.45 -6.07
N GLU A 89 6.48 0.08 -6.75
CA GLU A 89 5.97 0.92 -7.85
C GLU A 89 5.28 2.20 -7.36
N HIS A 90 4.55 2.07 -6.30
N HIS A 90 4.55 2.04 -6.29
CA HIS A 90 3.85 3.20 -5.69
CA HIS A 90 3.82 3.11 -5.64
C HIS A 90 3.36 2.75 -4.35
C HIS A 90 3.70 2.82 -4.18
N ALA A 91 3.02 3.72 -3.48
CA ALA A 91 2.44 3.41 -2.17
C ALA A 91 0.93 3.55 -2.39
N GLU A 92 0.15 2.50 -2.05
CA GLU A 92 -1.32 2.51 -2.22
C GLU A 92 -1.99 2.58 -0.87
N VAL A 93 -3.00 3.43 -0.71
CA VAL A 93 -3.67 3.54 0.58
C VAL A 93 -5.20 3.40 0.28
N VAL A 94 -5.79 2.30 0.75
CA VAL A 94 -7.20 1.93 0.41
C VAL A 94 -8.04 1.91 1.64
N PHE A 95 -9.14 2.68 1.65
CA PHE A 95 -9.90 2.84 2.88
C PHE A 95 -11.36 3.17 2.57
N THR A 96 -12.24 2.88 3.50
CA THR A 96 -13.64 3.30 3.39
C THR A 96 -13.81 4.67 4.05
N ALA A 97 -14.47 5.59 3.37
CA ALA A 97 -14.57 6.94 3.91
C ALA A 97 -15.98 7.32 4.29
N ASN A 98 -16.08 8.13 5.34
CA ASN A 98 -17.28 8.87 5.70
C ASN A 98 -18.43 7.96 6.11
N ASP A 99 -18.12 6.72 6.44
CA ASP A 99 -19.18 5.76 6.69
C ASP A 99 -19.97 6.02 7.98
N SER A 100 -19.35 6.77 8.88
CA SER A 100 -20.02 7.23 10.09
C SER A 100 -20.38 8.71 9.98
N GLY A 101 -20.37 9.27 8.78
CA GLY A 101 -20.58 10.68 8.57
C GLY A 101 -19.29 11.34 8.11
N PRO A 102 -19.41 12.64 7.60
CA PRO A 102 -18.14 13.19 7.09
C PRO A 102 -17.04 13.40 8.12
N ARG A 103 -15.82 13.15 7.66
CA ARG A 103 -14.62 13.36 8.46
C ARG A 103 -13.54 14.08 7.64
N ARG A 104 -12.52 14.58 8.33
CA ARG A 104 -11.37 15.18 7.69
C ARG A 104 -10.21 14.17 7.75
N TYR A 105 -9.63 13.84 6.60
CA TYR A 105 -8.60 12.80 6.52
C TYR A 105 -7.27 13.37 6.08
N THR A 106 -6.22 13.08 6.83
CA THR A 106 -4.86 13.32 6.37
C THR A 106 -4.14 11.98 6.17
N ILE A 107 -3.73 11.75 4.95
CA ILE A 107 -3.00 10.52 4.60
C ILE A 107 -1.53 10.93 4.53
N ALA A 108 -0.72 10.44 5.46
CA ALA A 108 0.68 10.72 5.46
C ALA A 108 1.45 9.50 4.98
N ALA A 109 2.48 9.74 4.19
CA ALA A 109 3.36 8.64 3.74
C ALA A 109 4.81 9.06 4.02
N LEU A 110 5.56 8.13 4.61
CA LEU A 110 7.01 8.35 4.88
C LEU A 110 7.80 7.36 4.00
N LEU A 111 8.69 7.89 3.18
CA LEU A 111 9.28 7.09 2.10
C LEU A 111 10.75 6.81 2.29
N SER A 112 11.11 5.54 2.07
CA SER A 112 12.55 5.16 1.87
C SER A 112 12.61 4.28 0.61
N PRO A 113 13.76 4.07 0.04
CA PRO A 113 13.78 3.35 -1.22
C PRO A 113 13.20 1.91 -1.16
N TYR A 114 13.43 1.19 -0.07
CA TYR A 114 12.93 -0.16 0.07
C TYR A 114 11.83 -0.32 1.13
N SER A 115 11.31 0.79 1.63
CA SER A 115 10.29 0.75 2.66
C SER A 115 9.42 2.00 2.62
N TYR A 116 8.18 1.89 3.04
CA TYR A 116 7.38 3.07 3.32
C TYR A 116 6.38 2.82 4.42
N SER A 117 5.93 3.86 5.09
N SER A 117 5.93 3.89 5.04
CA SER A 117 4.85 3.69 6.02
CA SER A 117 4.90 3.80 6.04
C SER A 117 3.78 4.70 5.71
C SER A 117 3.74 4.65 5.54
N THR A 118 2.55 4.35 5.99
CA THR A 118 1.44 5.28 5.78
C THR A 118 0.54 5.28 6.98
N THR A 119 0.07 6.50 7.31
CA THR A 119 -0.66 6.72 8.54
C THR A 119 -1.85 7.61 8.16
N ALA A 120 -2.99 7.30 8.70
CA ALA A 120 -4.13 8.26 8.57
C ALA A 120 -4.41 8.95 9.89
N VAL A 121 -4.59 10.29 9.78
CA VAL A 121 -5.02 11.04 10.92
C VAL A 121 -6.40 11.58 10.58
N VAL A 122 -7.37 11.17 11.39
CA VAL A 122 -8.80 11.43 11.04
C VAL A 122 -9.37 12.28 12.15
N THR A 123 -9.90 13.43 11.74
CA THR A 123 -10.55 14.36 12.71
C THR A 123 -12.02 14.64 12.34
N ASN A 124 -12.85 14.77 13.37
CA ASN A 124 -14.31 14.96 13.18
C ASN A 124 -14.49 16.47 13.15
N PRO A 125 -15.05 17.04 12.01
CA PRO A 125 -15.21 18.51 11.97
C PRO A 125 -16.27 18.99 12.95
N LYS B 9 8.48 -19.95 0.08
CA LYS B 9 9.59 -20.19 1.00
C LYS B 9 10.79 -19.57 0.35
N CYS B 10 11.16 -20.15 -0.83
CA CYS B 10 12.44 -19.82 -1.34
C CYS B 10 12.44 -18.36 -1.87
N PRO B 11 11.66 -18.09 -2.97
CA PRO B 11 11.97 -16.81 -3.61
C PRO B 11 11.08 -15.69 -3.06
N LEU B 12 9.91 -16.03 -2.52
CA LEU B 12 9.01 -14.96 -1.98
C LEU B 12 8.45 -15.40 -0.64
N MET B 13 8.57 -14.57 0.38
N MET B 13 8.62 -14.59 0.40
CA MET B 13 8.07 -14.92 1.73
CA MET B 13 8.03 -14.91 1.70
C MET B 13 7.45 -13.62 2.32
C MET B 13 7.32 -13.61 2.16
N VAL B 14 6.36 -13.77 3.03
CA VAL B 14 5.65 -12.63 3.62
C VAL B 14 5.68 -12.76 5.13
N LYS B 15 6.01 -11.65 5.84
CA LYS B 15 6.03 -11.68 7.28
C LYS B 15 5.23 -10.53 7.85
N VAL B 16 4.33 -10.80 8.78
CA VAL B 16 3.42 -9.74 9.25
C VAL B 16 3.50 -9.68 10.78
N LEU B 17 3.63 -8.46 11.30
CA LEU B 17 3.71 -8.24 12.76
C LEU B 17 2.64 -7.26 13.21
N ASP B 18 2.26 -7.40 14.48
CA ASP B 18 1.17 -6.64 15.11
C ASP B 18 1.88 -5.68 16.11
N ALA B 19 1.84 -4.36 15.81
CA ALA B 19 2.47 -3.36 16.64
C ALA B 19 1.69 -3.03 17.90
N VAL B 20 0.45 -3.43 17.97
CA VAL B 20 -0.37 -3.17 19.14
C VAL B 20 -0.05 -4.21 20.21
N ARG B 21 -0.04 -5.46 19.82
CA ARG B 21 0.21 -6.57 20.78
C ARG B 21 1.67 -6.99 20.87
N GLY B 22 2.52 -6.48 20.00
CA GLY B 22 3.95 -6.89 19.96
C GLY B 22 4.08 -8.42 19.66
N SER B 23 3.43 -8.84 18.59
CA SER B 23 3.35 -10.25 18.29
C SER B 23 3.34 -10.48 16.80
N PRO B 24 3.66 -11.73 16.38
CA PRO B 24 3.31 -12.07 15.01
C PRO B 24 1.84 -11.83 14.75
N ALA B 25 1.50 -11.46 13.51
CA ALA B 25 0.07 -11.40 13.16
C ALA B 25 -0.33 -12.67 12.52
N ILE B 26 -1.10 -13.48 13.27
CA ILE B 26 -1.38 -14.88 12.87
C ILE B 26 -2.76 -14.95 12.17
N ASN B 27 -2.85 -15.88 11.21
N ASN B 27 -2.84 -15.86 11.20
CA ASN B 27 -4.09 -16.09 10.42
CA ASN B 27 -4.09 -16.11 10.45
C ASN B 27 -4.56 -14.87 9.62
C ASN B 27 -4.56 -14.94 9.56
N VAL B 28 -3.62 -14.14 9.09
CA VAL B 28 -3.95 -13.00 8.23
C VAL B 28 -3.90 -13.50 6.76
N ALA B 29 -5.01 -13.25 6.06
CA ALA B 29 -5.05 -13.66 4.65
C ALA B 29 -4.15 -12.78 3.79
N VAL B 30 -3.48 -13.42 2.87
CA VAL B 30 -2.54 -12.74 1.99
C VAL B 30 -2.75 -13.23 0.55
N HIS B 31 -2.99 -12.30 -0.36
CA HIS B 31 -3.17 -12.64 -1.79
C HIS B 31 -2.09 -12.00 -2.65
N VAL B 32 -1.50 -12.77 -3.54
CA VAL B 32 -0.51 -12.25 -4.49
C VAL B 32 -1.12 -12.28 -5.90
N PHE B 33 -0.89 -11.24 -6.65
CA PHE B 33 -1.40 -11.12 -8.03
C PHE B 33 -0.25 -10.77 -8.93
N ARG B 34 -0.36 -11.13 -10.22
N ARG B 34 -0.34 -11.13 -10.22
CA ARG B 34 0.62 -10.67 -11.20
CA ARG B 34 0.66 -10.69 -11.21
C ARG B 34 -0.12 -9.86 -12.27
C ARG B 34 -0.07 -9.90 -12.30
N LYS B 35 0.53 -8.80 -12.76
CA LYS B 35 -0.14 -7.94 -13.73
C LYS B 35 -0.13 -8.60 -15.08
N ALA B 36 -1.30 -8.64 -15.72
CA ALA B 36 -1.42 -9.28 -17.06
C ALA B 36 -1.25 -8.22 -18.15
N ALA B 37 -1.09 -8.71 -19.40
CA ALA B 37 -0.92 -7.87 -20.61
C ALA B 37 -2.05 -6.84 -20.80
N ASP B 38 -3.27 -7.15 -20.39
CA ASP B 38 -4.36 -6.18 -20.47
C ASP B 38 -4.48 -5.31 -19.20
N ASP B 39 -3.39 -5.26 -18.41
CA ASP B 39 -3.34 -4.40 -17.22
C ASP B 39 -4.29 -4.77 -16.11
N THR B 40 -4.79 -6.01 -16.13
CA THR B 40 -5.56 -6.47 -14.96
C THR B 40 -4.67 -7.29 -14.01
N TRP B 41 -5.16 -7.53 -12.80
CA TRP B 41 -4.39 -8.30 -11.82
C TRP B 41 -4.90 -9.73 -11.80
N GLU B 42 -4.03 -10.68 -12.13
N GLU B 42 -4.03 -10.68 -12.14
CA GLU B 42 -4.42 -12.10 -12.16
CA GLU B 42 -4.46 -12.09 -12.16
C GLU B 42 -3.96 -12.71 -10.84
C GLU B 42 -3.97 -12.72 -10.86
N PRO B 43 -4.84 -13.46 -10.17
CA PRO B 43 -4.46 -14.23 -9.02
C PRO B 43 -3.26 -15.09 -9.30
N PHE B 44 -2.29 -15.09 -8.37
CA PHE B 44 -1.02 -15.76 -8.53
C PHE B 44 -0.77 -16.79 -7.45
N ALA B 45 -1.02 -16.39 -6.22
CA ALA B 45 -0.80 -17.27 -5.02
C ALA B 45 -1.45 -16.62 -3.84
N SER B 46 -1.76 -17.41 -2.81
CA SER B 46 -2.35 -16.84 -1.58
C SER B 46 -2.17 -17.83 -0.44
N GLY B 47 -2.48 -17.39 0.78
CA GLY B 47 -2.36 -18.26 1.96
C GLY B 47 -2.74 -17.43 3.19
N LYS B 48 -2.54 -18.04 4.36
CA LYS B 48 -2.78 -17.33 5.66
C LYS B 48 -1.51 -17.41 6.44
N THR B 49 -1.19 -16.30 7.16
CA THR B 49 0.06 -16.39 7.95
C THR B 49 -0.02 -17.46 9.08
N SER B 50 1.15 -17.97 9.38
CA SER B 50 1.28 -19.02 10.44
C SER B 50 1.30 -18.39 11.82
N GLU B 51 1.51 -19.25 12.80
CA GLU B 51 1.70 -18.79 14.18
C GLU B 51 2.91 -17.93 14.38
N SER B 52 3.83 -17.93 13.43
CA SER B 52 4.98 -17.04 13.54
C SER B 52 4.80 -15.83 12.61
N GLY B 53 3.55 -15.66 12.11
CA GLY B 53 3.21 -14.50 11.28
C GLY B 53 3.83 -14.58 9.86
N GLU B 54 4.27 -15.77 9.44
CA GLU B 54 4.97 -15.93 8.16
C GLU B 54 4.15 -16.76 7.17
N LEU B 55 4.34 -16.46 5.92
CA LEU B 55 3.75 -17.25 4.88
C LEU B 55 4.80 -17.63 3.88
N HIS B 56 5.05 -18.96 3.82
CA HIS B 56 6.10 -19.51 2.94
C HIS B 56 5.39 -20.35 1.86
N GLY B 57 6.12 -20.70 0.84
CA GLY B 57 5.57 -21.62 -0.13
C GLY B 57 4.66 -21.03 -1.13
N LEU B 58 4.66 -19.71 -1.25
CA LEU B 58 3.74 -19.03 -2.16
C LEU B 58 4.06 -19.42 -3.62
N THR B 59 5.33 -19.45 -3.99
CA THR B 59 5.71 -19.68 -5.38
C THR B 59 7.02 -20.44 -5.48
N THR B 60 7.45 -20.74 -6.70
CA THR B 60 8.70 -21.39 -6.93
C THR B 60 9.58 -20.47 -7.76
N GLU B 61 10.88 -20.77 -7.78
CA GLU B 61 11.80 -20.04 -8.61
C GLU B 61 11.36 -20.09 -10.09
N GLU B 62 10.83 -21.24 -10.51
N GLU B 62 10.82 -21.24 -10.52
CA GLU B 62 10.44 -21.41 -11.91
CA GLU B 62 10.44 -21.38 -11.93
C GLU B 62 9.28 -20.49 -12.25
C GLU B 62 9.34 -20.41 -12.32
N GLU B 63 8.33 -20.35 -11.33
N GLU B 63 8.31 -20.30 -11.49
CA GLU B 63 7.15 -19.60 -11.59
CA GLU B 63 7.19 -19.50 -11.85
C GLU B 63 7.29 -18.08 -11.42
C GLU B 63 7.36 -18.01 -11.53
N PHE B 64 8.22 -17.70 -10.56
CA PHE B 64 8.39 -16.29 -10.12
C PHE B 64 9.28 -15.53 -11.08
N VAL B 65 8.77 -15.26 -12.28
CA VAL B 65 9.54 -14.62 -13.31
C VAL B 65 9.39 -13.08 -13.21
N GLU B 66 10.24 -12.36 -13.91
CA GLU B 66 10.11 -10.91 -13.90
C GLU B 66 8.70 -10.51 -14.31
N GLY B 67 8.22 -9.41 -13.68
CA GLY B 67 6.85 -8.95 -14.01
C GLY B 67 6.47 -8.00 -12.85
N ILE B 68 5.27 -7.48 -12.91
CA ILE B 68 4.79 -6.62 -11.79
C ILE B 68 3.87 -7.44 -10.92
N TYR B 69 4.09 -7.36 -9.60
CA TYR B 69 3.38 -8.16 -8.63
C TYR B 69 2.72 -7.27 -7.58
N LYS B 70 1.61 -7.74 -7.04
N LYS B 70 1.59 -7.74 -7.06
CA LYS B 70 0.93 -7.04 -5.94
CA LYS B 70 0.90 -7.06 -5.95
C LYS B 70 0.65 -7.99 -4.85
C LYS B 70 0.68 -8.02 -4.85
N VAL B 71 1.06 -7.64 -3.62
CA VAL B 71 0.78 -8.47 -2.42
C VAL B 71 -0.24 -7.72 -1.61
N GLU B 72 -1.40 -8.34 -1.37
N GLU B 72 -1.44 -8.31 -1.44
CA GLU B 72 -2.51 -7.67 -0.62
CA GLU B 72 -2.47 -7.65 -0.58
C GLU B 72 -2.71 -8.39 0.70
C GLU B 72 -2.49 -8.42 0.71
N ILE B 73 -2.49 -7.67 1.80
CA ILE B 73 -2.55 -8.25 3.13
C ILE B 73 -3.87 -7.79 3.74
N ASP B 74 -4.74 -8.73 4.15
CA ASP B 74 -6.11 -8.42 4.55
C ASP B 74 -6.15 -7.98 6.02
N THR B 75 -5.71 -6.74 6.20
CA THR B 75 -5.50 -6.18 7.56
C THR B 75 -6.81 -5.87 8.24
N LYS B 76 -7.83 -5.44 7.47
CA LYS B 76 -9.09 -5.02 8.13
C LYS B 76 -9.74 -6.21 8.86
N SER B 77 -9.81 -7.35 8.21
CA SER B 77 -10.37 -8.55 8.95
C SER B 77 -9.60 -8.92 10.15
N TYR B 78 -8.26 -8.70 10.13
CA TYR B 78 -7.43 -9.04 11.29
C TYR B 78 -7.83 -8.18 12.46
N TRP B 79 -7.91 -6.83 12.25
CA TRP B 79 -8.26 -5.92 13.33
C TRP B 79 -9.71 -6.16 13.78
N LYS B 80 -10.60 -6.48 12.85
CA LYS B 80 -12.01 -6.70 13.22
C LYS B 80 -12.13 -7.87 14.18
N ALA B 81 -11.34 -8.86 13.94
CA ALA B 81 -11.37 -10.06 14.84
C ALA B 81 -10.89 -9.70 16.21
N LEU B 82 -10.03 -8.70 16.33
CA LEU B 82 -9.56 -8.24 17.64
C LEU B 82 -10.44 -7.23 18.28
N GLY B 83 -11.49 -6.79 17.58
CA GLY B 83 -12.39 -5.80 18.16
C GLY B 83 -11.82 -4.40 18.13
N ILE B 84 -10.88 -4.19 17.19
CA ILE B 84 -10.26 -2.85 17.11
C ILE B 84 -10.59 -2.22 15.75
N SER B 85 -11.10 -1.00 15.73
CA SER B 85 -11.58 -0.39 14.54
C SER B 85 -10.38 0.08 13.69
N PRO B 86 -10.26 -0.40 12.45
CA PRO B 86 -9.13 -0.02 11.62
C PRO B 86 -9.41 0.97 10.51
N PHE B 87 -8.38 1.58 9.95
CA PHE B 87 -8.59 2.57 8.90
C PHE B 87 -8.57 1.85 7.49
N HIS B 88 -7.57 1.07 7.23
CA HIS B 88 -7.34 0.58 5.86
C HIS B 88 -8.21 -0.65 5.56
N GLU B 89 -8.58 -0.78 4.31
CA GLU B 89 -9.24 -2.06 3.84
C GLU B 89 -8.21 -3.19 3.83
N HIS B 90 -7.02 -2.91 3.36
N HIS B 90 -7.02 -2.90 3.37
CA HIS B 90 -5.89 -3.86 3.30
CA HIS B 90 -5.87 -3.80 3.40
C HIS B 90 -4.62 -3.13 3.00
C HIS B 90 -4.58 -3.04 3.28
N ALA B 91 -3.49 -3.78 3.26
CA ALA B 91 -2.17 -3.17 2.92
C ALA B 91 -1.80 -3.74 1.57
N GLU B 92 -1.33 -2.89 0.64
CA GLU B 92 -1.00 -3.40 -0.67
C GLU B 92 0.49 -3.11 -0.96
N VAL B 93 1.21 -4.08 -1.48
CA VAL B 93 2.61 -3.84 -1.79
C VAL B 93 2.81 -4.20 -3.29
N VAL B 94 3.22 -3.26 -4.10
CA VAL B 94 3.32 -3.42 -5.54
C VAL B 94 4.75 -3.17 -5.98
N PHE B 95 5.30 -4.12 -6.77
CA PHE B 95 6.75 -4.06 -7.09
C PHE B 95 6.99 -4.81 -8.39
N THR B 96 8.16 -4.51 -9.00
CA THR B 96 8.59 -5.27 -10.19
C THR B 96 9.67 -6.21 -9.80
N ALA B 97 9.47 -7.50 -10.05
CA ALA B 97 10.52 -8.48 -9.73
C ALA B 97 11.58 -8.38 -10.81
N ASN B 98 12.86 -8.42 -10.36
CA ASN B 98 14.00 -8.12 -11.24
C ASN B 98 15.08 -9.16 -11.07
N ASP B 99 15.47 -9.83 -12.17
CA ASP B 99 16.44 -10.90 -12.02
C ASP B 99 17.89 -10.44 -11.74
N SER B 100 18.18 -9.21 -12.05
CA SER B 100 19.51 -8.68 -11.75
C SER B 100 19.75 -8.55 -10.25
N GLY B 101 18.69 -8.63 -9.44
CA GLY B 101 18.84 -8.41 -8.01
C GLY B 101 19.00 -9.72 -7.28
N PRO B 102 19.03 -9.66 -5.93
CA PRO B 102 19.11 -10.86 -5.13
C PRO B 102 17.91 -11.84 -5.33
N ARG B 103 18.09 -13.06 -4.88
CA ARG B 103 17.22 -14.14 -5.31
C ARG B 103 16.00 -14.26 -4.42
N ARG B 104 16.03 -13.65 -3.22
N ARG B 104 16.06 -13.72 -3.19
CA ARG B 104 14.97 -13.94 -2.23
CA ARG B 104 14.93 -13.93 -2.27
C ARG B 104 14.35 -12.64 -1.76
C ARG B 104 14.34 -12.57 -1.94
N TYR B 105 13.03 -12.52 -1.91
CA TYR B 105 12.27 -11.28 -1.49
C TYR B 105 11.47 -11.62 -0.25
N THR B 106 11.70 -10.90 0.85
CA THR B 106 10.83 -11.00 2.00
C THR B 106 10.07 -9.69 2.12
N ILE B 107 8.76 -9.78 2.05
CA ILE B 107 7.90 -8.59 2.16
C ILE B 107 7.43 -8.60 3.62
N ALA B 108 7.88 -7.63 4.39
CA ALA B 108 7.50 -7.53 5.77
C ALA B 108 6.49 -6.44 5.96
N ALA B 109 5.51 -6.64 6.85
CA ALA B 109 4.54 -5.59 7.13
C ALA B 109 4.35 -5.48 8.60
N LEU B 110 4.37 -4.23 9.11
CA LEU B 110 4.16 -3.95 10.56
C LEU B 110 2.81 -3.22 10.66
N LEU B 111 1.87 -3.79 11.39
CA LEU B 111 0.51 -3.28 11.38
C LEU B 111 0.05 -2.59 12.65
N SER B 112 -0.54 -1.39 12.48
CA SER B 112 -1.34 -0.77 13.55
C SER B 112 -2.70 -0.39 12.96
N PRO B 113 -3.68 -0.09 13.82
CA PRO B 113 -5.03 0.08 13.27
C PRO B 113 -5.14 1.23 12.28
N TYR B 114 -4.42 2.31 12.51
CA TYR B 114 -4.46 3.46 11.59
C TYR B 114 -3.16 3.72 10.82
N SER B 115 -2.23 2.77 10.87
CA SER B 115 -0.97 2.91 10.18
C SER B 115 -0.37 1.56 9.86
N TYR B 116 0.36 1.47 8.76
CA TYR B 116 1.18 0.30 8.52
C TYR B 116 2.47 0.67 7.82
N SER B 117 3.52 -0.10 8.06
N SER B 117 3.50 -0.14 8.04
CA SER B 117 4.72 0.07 7.25
CA SER B 117 4.75 0.01 7.32
C SER B 117 5.06 -1.25 6.55
C SER B 117 5.02 -1.28 6.52
N THR B 118 5.69 -1.14 5.38
CA THR B 118 6.14 -2.37 4.66
C THR B 118 7.51 -2.20 4.19
N THR B 119 8.29 -3.27 4.26
CA THR B 119 9.69 -3.22 3.91
C THR B 119 10.00 -4.43 3.05
N ALA B 120 10.79 -4.23 2.04
CA ALA B 120 11.29 -5.39 1.27
C ALA B 120 12.74 -5.66 1.65
N VAL B 121 12.99 -6.88 2.08
CA VAL B 121 14.35 -7.30 2.41
C VAL B 121 14.74 -8.28 1.31
N VAL B 122 15.75 -7.93 0.54
CA VAL B 122 16.09 -8.69 -0.71
C VAL B 122 17.49 -9.23 -0.52
N THR B 123 17.61 -10.57 -0.53
CA THR B 123 18.84 -11.25 -0.10
C THR B 123 19.22 -12.39 -1.04
N ASN B 124 20.45 -12.83 -0.89
CA ASN B 124 20.98 -13.99 -1.69
C ASN B 124 21.08 -15.29 -0.95
C1 7BD C . 4.66 14.14 10.08
C1 7BD C . 4.71 13.75 10.09
C2 7BD C . 3.59 13.06 10.02
C2 7BD C . 3.90 15.02 10.03
C3 7BD C . 2.21 13.65 9.97
C3 7BD C . 2.43 14.80 9.96
C4 7BD C . 2.43 15.11 9.99
C4 7BD C . 2.30 13.33 9.98
C5 7BD C . 3.88 15.38 10.05
C5 7BD C . 3.65 12.71 10.06
C6 7BD C . 1.36 16.01 9.95
C6 7BD C . 1.05 12.73 9.93
C10 7BD C . 4.53 16.61 10.09
C10 7BD C . 4.00 11.37 10.10
C11 7BD C . 6.04 14.14 10.14
C11 7BD C . 6.06 13.39 10.16
C12 7BD C . 6.67 15.39 10.16
C12 7BD C . 6.37 12.02 10.20
C13 7BD C . 5.93 16.58 10.14
C13 7BD C . 5.36 11.05 10.16
C16 7BD C . 5.23 9.80 10.11
C16 7BD C . 6.00 17.95 9.87
C17 7BD C . 4.22 9.16 9.13
C17 7BD C . 7.36 18.02 9.17
C18 7BD C . 4.51 7.69 9.04
C18 7BD C . 7.45 19.28 8.38
C7 7BD C . 0.92 13.14 9.90
C7 7BD C . 1.31 15.62 9.89
C8 7BD C . -0.14 14.06 9.88
C8 7BD C . 0.06 14.98 9.85
C9 7BD C . 0.07 15.45 9.90
C9 7BD C . -0.07 13.58 9.87
N14 7BD C . 3.86 11.71 10.02
N14 7BD C . 4.41 16.29 10.04
O15 7BD C . 5.03 11.24 10.08
O15 7BD C . 5.63 16.58 10.08
O19 7BD C . 5.58 7.27 9.48
O19 7BD C . 7.88 20.29 8.99
O20 7BD C . 3.63 6.95 8.56
O20 7BD C . 7.12 19.23 7.17
C1 7BD D . 11.43 -7.85 9.68
C1 7BD D . 11.07 -8.11 11.65
C2 7BD D . 11.93 -9.25 9.90
C2 7BD D . 11.12 -7.36 10.36
C3 7BD D . 11.71 -9.76 11.29
C3 7BD D . 11.68 -8.20 9.23
C4 7BD D . 11.07 -8.60 11.96
C4 7BD D . 11.97 -9.50 9.87
C5 7BD D . 10.91 -7.47 11.00
C5 7BD D . 11.60 -9.45 11.30
C6 7BD D . 10.71 -8.68 13.29
C6 7BD D . 12.50 -10.57 9.16
C10 7BD D . 10.35 -6.21 11.20
C10 7BD D . 11.69 -10.44 12.27
C11 7BD D . 11.39 -6.96 8.63
C11 7BD D . 10.65 -7.82 12.94
C12 7BD D . 10.83 -5.70 8.85
C12 7BD D . 10.76 -8.84 13.89
C13 7BD D . 10.32 -5.34 10.10
C13 7BD D . 11.27 -10.10 13.57
C16 7BD D . 13.29 -10.57 6.82
C16 7BD D . 9.55 -4.14 11.01
C17 7BD D . 14.55 -11.20 7.41
C17 7BD D . 9.81 -3.52 9.63
C18 7BD D . 15.52 -11.36 6.27
C18 7BD D . 8.53 -3.52 8.84
C7 7BD D . 11.98 -10.94 11.98
C7 7BD D . 11.95 -8.00 7.88
C8 7BD D . 11.61 -10.98 13.34
C8 7BD D . 12.49 -9.10 7.18
C9 7BD D . 10.98 -9.88 13.97
C9 7BD D . 12.75 -10.35 7.79
N14 7BD D . 12.52 -10.03 8.94
N14 7BD D . 10.72 -6.05 10.22
O15 7BD D . 12.70 -9.64 7.75
O15 7BD D . 10.27 -5.40 11.20
O19 7BD D . 16.74 -11.25 6.52
O19 7BD D . 7.75 -4.50 9.00
O20 7BD D . 15.08 -11.57 5.12
O20 7BD D . 8.29 -2.56 8.06
C1 EDO E . 14.38 -11.98 -8.31
O1 EDO E . 13.33 -11.96 -9.23
C2 EDO E . 13.80 -12.82 -7.17
O2 EDO E . 13.23 -13.90 -7.91
C1 EDO F . 12.96 -3.87 -7.67
O1 EDO F . 13.26 -5.23 -7.29
C2 EDO F . 14.26 -3.10 -7.48
O2 EDO F . 15.24 -3.85 -8.24
#